data_4NMS
#
_entry.id   4NMS
#
_cell.length_a   36.275
_cell.length_b   47.736
_cell.length_c   97.776
_cell.angle_alpha   90.00
_cell.angle_beta   90.00
_cell.angle_gamma   90.00
#
_symmetry.space_group_name_H-M   'P 21 21 21'
#
loop_
_entity.id
_entity.type
_entity.pdbx_description
1 polymer 'Golgi-associated PDZ and coiled-coil motif-containing protein'
2 polymer 'iCAL36(FLB-K-1) peptide'
3 non-polymer GLYCEROL
4 water water
#
loop_
_entity_poly.entity_id
_entity_poly.type
_entity_poly.pdbx_seq_one_letter_code
_entity_poly.pdbx_strand_id
1 'polypeptide(L)'
;GPIRKVLLLKEDHEGLGISITGGKEHGVPILISEIHPGQPADRCGGLHVGDAILAVNGVNLRDTKHKEAVTILSQQRGEI
EFEVVYV
;
A,B
2 'polypeptide(L)' ANSRWPTS(2KK)I C,D
#
loop_
_chem_comp.id
_chem_comp.type
_chem_comp.name
_chem_comp.formula
GOL non-polymer GLYCEROL 'C3 H8 O3'
#
# COMPACT_ATOMS: atom_id res chain seq x y z
N GLY A 1 14.46 -4.81 -24.34
CA GLY A 1 15.83 -5.00 -23.88
C GLY A 1 16.01 -6.37 -23.26
N PRO A 2 17.16 -6.59 -22.62
CA PRO A 2 17.40 -7.92 -22.03
C PRO A 2 16.59 -8.11 -20.77
N ILE A 3 16.21 -9.35 -20.47
CA ILE A 3 15.62 -9.64 -19.17
C ILE A 3 16.72 -9.51 -18.12
N ARG A 4 16.41 -8.86 -17.00
CA ARG A 4 17.38 -8.65 -15.92
C ARG A 4 16.84 -9.20 -14.60
N LYS A 5 17.74 -9.71 -13.77
CA LYS A 5 17.42 -10.07 -12.39
C LYS A 5 18.00 -9.00 -11.48
N VAL A 6 17.17 -8.46 -10.59
CA VAL A 6 17.55 -7.31 -9.78
C VAL A 6 17.19 -7.57 -8.33
N LEU A 7 18.14 -7.33 -7.43
CA LEU A 7 17.92 -7.50 -6.00
C LEU A 7 17.55 -6.17 -5.32
N LEU A 8 16.52 -6.22 -4.47
CA LEU A 8 16.12 -5.05 -3.71
C LEU A 8 16.11 -5.42 -2.23
N LEU A 9 16.65 -4.53 -1.39
CA LEU A 9 16.68 -4.74 0.05
C LEU A 9 15.75 -3.72 0.71
N LYS A 10 14.84 -4.18 1.55
CA LYS A 10 14.03 -3.23 2.29
C LYS A 10 13.74 -3.71 3.70
N GLU A 11 13.44 -2.76 4.56
CA GLU A 11 13.14 -3.06 5.94
C GLU A 11 11.62 -3.07 6.06
N ASP A 12 11.12 -3.61 7.16
CA ASP A 12 9.69 -3.85 7.27
C ASP A 12 8.86 -2.57 7.42
N HIS A 13 9.49 -1.43 7.69
CA HIS A 13 8.74 -0.21 7.97
C HIS A 13 8.45 0.59 6.71
N GLU A 14 9.02 0.14 5.59
CA GLU A 14 8.90 0.89 4.33
C GLU A 14 8.20 0.05 3.27
N GLY A 15 7.74 0.72 2.21
CA GLY A 15 7.21 0.04 1.06
C GLY A 15 8.35 -0.19 0.07
N LEU A 16 8.00 -0.61 -1.14
CA LEU A 16 8.98 -0.87 -2.18
C LEU A 16 9.53 0.43 -2.77
N GLY A 17 8.71 1.49 -2.78
CA GLY A 17 9.14 2.74 -3.38
C GLY A 17 8.90 2.74 -4.89
N ILE A 18 7.82 2.10 -5.30
CA ILE A 18 7.46 1.94 -6.71
C ILE A 18 6.01 2.34 -6.92
N SER A 19 5.70 3.00 -8.05
CA SER A 19 4.31 3.02 -8.51
C SER A 19 4.21 2.08 -9.69
N ILE A 20 3.17 1.23 -9.68
CA ILE A 20 2.93 0.33 -10.80
C ILE A 20 1.60 0.64 -11.47
N THR A 21 1.57 0.41 -12.77
CA THR A 21 0.33 0.55 -13.53
C THR A 21 0.19 -0.68 -14.42
N GLY A 22 -0.92 -0.78 -15.15
CA GLY A 22 -1.11 -1.91 -16.05
C GLY A 22 -1.71 -3.13 -15.36
N GLY A 23 -1.57 -4.29 -15.98
CA GLY A 23 -2.16 -5.51 -15.45
C GLY A 23 -2.91 -6.27 -16.52
N LYS A 24 -3.10 -7.57 -16.28
CA LYS A 24 -3.65 -8.43 -17.32
C LYS A 24 -5.03 -8.01 -17.80
N GLU A 25 -5.84 -7.45 -16.91
CA GLU A 25 -7.18 -7.03 -17.29
C GLU A 25 -7.14 -5.87 -18.28
N HIS A 26 -5.98 -5.25 -18.42
CA HIS A 26 -5.77 -4.17 -19.37
C HIS A 26 -4.93 -4.58 -20.56
N GLY A 27 -4.52 -5.84 -20.59
CA GLY A 27 -3.75 -6.37 -21.70
C GLY A 27 -2.32 -5.88 -21.73
N VAL A 28 -1.80 -5.46 -20.58
CA VAL A 28 -0.42 -4.98 -20.51
C VAL A 28 0.26 -5.53 -19.27
N PRO A 29 1.59 -5.58 -19.26
CA PRO A 29 2.29 -6.11 -18.09
C PRO A 29 2.11 -5.22 -16.87
N ILE A 30 2.61 -5.67 -15.72
CA ILE A 30 2.74 -4.78 -14.59
C ILE A 30 3.94 -3.88 -14.86
N LEU A 31 3.68 -2.59 -15.05
CA LEU A 31 4.72 -1.65 -15.46
C LEU A 31 5.07 -0.69 -14.33
N ILE A 32 6.36 -0.42 -14.17
CA ILE A 32 6.79 0.58 -13.20
C ILE A 32 6.60 1.96 -13.81
N SER A 33 5.73 2.77 -13.19
CA SER A 33 5.48 4.13 -13.69
C SER A 33 6.21 5.20 -12.89
N GLU A 34 6.63 4.87 -11.66
CA GLU A 34 7.40 5.79 -10.84
C GLU A 34 8.40 5.01 -9.98
N ILE A 35 9.58 5.61 -9.79
CA ILE A 35 10.52 5.16 -8.77
C ILE A 35 10.63 6.32 -7.80
N HIS A 36 10.22 6.09 -6.55
CA HIS A 36 10.15 7.18 -5.59
C HIS A 36 11.52 7.45 -4.98
N PRO A 37 11.96 8.72 -5.05
CA PRO A 37 13.35 8.98 -4.68
C PRO A 37 13.65 8.65 -3.23
N GLY A 38 14.77 7.98 -3.02
CA GLY A 38 15.25 7.70 -1.69
C GLY A 38 14.65 6.47 -1.03
N GLN A 39 13.68 5.84 -1.71
CA GLN A 39 13.03 4.64 -1.16
C GLN A 39 13.69 3.38 -1.73
N PRO A 40 13.29 2.17 -1.25
CA PRO A 40 14.14 1.02 -1.57
C PRO A 40 14.43 0.73 -3.04
N ALA A 41 13.45 0.91 -3.91
CA ALA A 41 13.70 0.63 -5.34
C ALA A 41 14.75 1.57 -5.92
N ASP A 42 14.66 2.85 -5.55
CA ASP A 42 15.66 3.83 -6.00
C ASP A 42 17.04 3.45 -5.47
N ARG A 43 17.10 3.10 -4.19
CA ARG A 43 18.37 2.80 -3.54
C ARG A 43 19.01 1.55 -4.13
N CYS A 44 18.20 0.57 -4.53
CA CYS A 44 18.74 -0.70 -5.08
C CYS A 44 19.46 -0.51 -6.41
N GLY A 45 19.04 0.46 -7.20
CA GLY A 45 19.80 0.90 -8.37
C GLY A 45 19.47 0.31 -9.74
N GLY A 46 18.73 -0.79 -9.76
CA GLY A 46 18.54 -1.54 -11.00
C GLY A 46 17.11 -1.60 -11.51
N LEU A 47 16.23 -0.79 -10.95
CA LEU A 47 14.82 -0.76 -11.36
C LEU A 47 14.54 0.62 -11.93
N HIS A 48 13.80 0.69 -13.03
CA HIS A 48 13.61 1.96 -13.71
C HIS A 48 12.20 2.15 -14.24
N VAL A 49 11.78 3.41 -14.36
CA VAL A 49 10.49 3.70 -14.97
C VAL A 49 10.43 3.07 -16.36
N GLY A 50 9.34 2.37 -16.65
CA GLY A 50 9.16 1.72 -17.93
C GLY A 50 9.42 0.22 -17.88
N ASP A 51 10.10 -0.23 -16.83
CA ASP A 51 10.34 -1.66 -16.65
C ASP A 51 9.02 -2.40 -16.47
N ALA A 52 8.93 -3.58 -17.09
CA ALA A 52 7.83 -4.50 -16.79
C ALA A 52 8.34 -5.43 -15.72
N ILE A 53 7.54 -5.65 -14.67
CA ILE A 53 7.92 -6.62 -13.66
C ILE A 53 7.40 -7.99 -14.07
N LEU A 54 8.32 -8.88 -14.44
CA LEU A 54 7.94 -10.20 -14.94
C LEU A 54 7.73 -11.20 -13.80
N ALA A 55 8.49 -11.05 -12.73
CA ALA A 55 8.32 -11.93 -11.58
C ALA A 55 8.95 -11.32 -10.34
N VAL A 56 8.50 -11.76 -9.17
CA VAL A 56 9.13 -11.32 -7.92
C VAL A 56 9.29 -12.55 -7.04
N ASN A 57 10.50 -12.77 -6.55
CA ASN A 57 10.77 -13.95 -5.71
C ASN A 57 10.24 -15.26 -6.28
N GLY A 58 10.41 -15.44 -7.59
CA GLY A 58 9.96 -16.66 -8.24
C GLY A 58 8.47 -16.72 -8.54
N VAL A 59 7.73 -15.69 -8.13
CA VAL A 59 6.31 -15.61 -8.44
C VAL A 59 6.09 -14.88 -9.76
N ASN A 60 5.52 -15.58 -10.73
CA ASN A 60 5.29 -15.02 -12.05
C ASN A 60 4.24 -13.92 -11.99
N LEU A 61 4.53 -12.78 -12.62
CA LEU A 61 3.59 -11.67 -12.65
C LEU A 61 3.17 -11.29 -14.07
N ARG A 62 3.58 -12.09 -15.06
CA ARG A 62 3.32 -11.76 -16.46
C ARG A 62 1.83 -11.78 -16.80
N ASP A 63 1.06 -12.58 -16.11
CA ASP A 63 -0.37 -12.60 -16.40
C ASP A 63 -1.31 -12.26 -15.24
N THR A 64 -0.78 -11.42 -14.40
CA THR A 64 -1.49 -11.07 -13.19
C THR A 64 -2.28 -9.78 -13.37
N LYS A 65 -3.46 -9.73 -12.78
CA LYS A 65 -4.24 -8.51 -12.75
C LYS A 65 -3.61 -7.49 -11.80
N HIS A 66 -3.98 -6.23 -11.96
CA HIS A 66 -3.36 -5.15 -11.20
C HIS A 66 -3.36 -5.39 -9.69
N LYS A 67 -4.53 -5.66 -9.12
CA LYS A 67 -4.64 -5.82 -7.67
C LYS A 67 -4.03 -7.13 -7.19
N GLU A 68 -4.02 -8.14 -8.04
CA GLU A 68 -3.30 -9.37 -7.71
C GLU A 68 -1.83 -9.06 -7.50
N ALA A 69 -1.26 -8.30 -8.44
CA ALA A 69 0.15 -7.89 -8.35
C ALA A 69 0.43 -7.06 -7.10
N VAL A 70 -0.49 -6.17 -6.74
CA VAL A 70 -0.29 -5.36 -5.54
C VAL A 70 -0.17 -6.26 -4.31
N THR A 71 -1.10 -7.20 -4.17
CA THR A 71 -1.06 -8.13 -3.03
C THR A 71 0.24 -8.93 -3.00
N ILE A 72 0.60 -9.50 -4.15
CA ILE A 72 1.82 -10.30 -4.22
C ILE A 72 3.05 -9.45 -3.91
N LEU A 73 3.17 -8.29 -4.56
CA LEU A 73 4.33 -7.44 -4.35
C LEU A 73 4.48 -6.93 -2.91
N SER A 74 3.37 -6.45 -2.34
CA SER A 74 3.41 -5.91 -0.97
C SER A 74 3.67 -6.97 0.11
N GLN A 75 3.46 -8.24 -0.22
CA GLN A 75 3.73 -9.34 0.70
C GLN A 75 5.21 -9.63 0.87
N GLN A 76 6.03 -9.20 -0.10
CA GLN A 76 7.44 -9.58 -0.08
C GLN A 76 8.21 -8.77 0.97
N ARG A 77 9.17 -9.42 1.63
CA ARG A 77 9.91 -8.77 2.70
C ARG A 77 11.41 -8.98 2.55
N GLY A 78 12.19 -8.00 3.02
CA GLY A 78 13.62 -8.19 3.19
C GLY A 78 14.42 -8.14 1.90
N GLU A 79 15.03 -9.27 1.55
CA GLU A 79 15.78 -9.37 0.29
C GLU A 79 14.89 -9.91 -0.80
N ILE A 80 14.57 -9.06 -1.77
CA ILE A 80 13.54 -9.38 -2.75
C ILE A 80 14.14 -9.37 -4.16
N GLU A 81 13.98 -10.49 -4.87
CA GLU A 81 14.52 -10.58 -6.24
C GLU A 81 13.46 -10.30 -7.28
N PHE A 82 13.76 -9.38 -8.19
CA PHE A 82 12.85 -9.03 -9.27
C PHE A 82 13.40 -9.54 -10.58
N GLU A 83 12.51 -10.00 -11.45
CA GLU A 83 12.86 -10.23 -12.85
C GLU A 83 12.14 -9.17 -13.67
N VAL A 84 12.90 -8.35 -14.40
CA VAL A 84 12.33 -7.22 -15.12
C VAL A 84 12.86 -7.09 -16.55
N VAL A 85 12.12 -6.37 -17.38
CA VAL A 85 12.59 -6.07 -18.72
C VAL A 85 12.05 -4.73 -19.14
N TYR A 86 12.91 -3.94 -19.77
CA TYR A 86 12.51 -2.67 -20.37
C TYR A 86 12.29 -2.83 -21.87
N VAL A 87 11.10 -2.45 -22.33
CA VAL A 87 10.76 -2.49 -23.74
C VAL A 87 10.51 -1.08 -24.28
N GLY B 1 4.87 12.13 0.48
CA GLY B 1 5.72 11.39 1.39
C GLY B 1 5.82 9.93 0.99
N PRO B 2 6.70 9.17 1.68
CA PRO B 2 6.88 7.74 1.39
C PRO B 2 5.85 6.88 2.09
N ILE B 3 5.58 5.70 1.54
CA ILE B 3 4.79 4.71 2.23
C ILE B 3 5.49 4.32 3.53
N ARG B 4 4.72 4.25 4.61
CA ARG B 4 5.20 3.73 5.88
C ARG B 4 4.35 2.54 6.27
N LYS B 5 4.96 1.54 6.90
CA LYS B 5 4.20 0.50 7.60
C LYS B 5 4.31 0.80 9.09
N VAL B 6 3.16 0.85 9.76
CA VAL B 6 3.07 1.28 11.14
C VAL B 6 2.31 0.23 11.95
N LEU B 7 2.83 -0.14 13.12
CA LEU B 7 2.14 -1.08 13.99
C LEU B 7 1.33 -0.37 15.07
N LEU B 8 0.12 -0.86 15.29
CA LEU B 8 -0.75 -0.35 16.32
C LEU B 8 -1.08 -1.54 17.22
N LEU B 9 -1.04 -1.32 18.54
CA LEU B 9 -1.42 -2.38 19.48
C LEU B 9 -2.78 -2.10 20.08
N LYS B 10 -3.73 -3.01 19.84
CA LYS B 10 -5.11 -2.85 20.26
C LYS B 10 -5.55 -3.95 21.22
N GLU B 11 -6.05 -3.56 22.39
CA GLU B 11 -6.67 -4.51 23.30
C GLU B 11 -8.06 -4.86 22.78
N ASP B 12 -8.55 -6.05 23.09
CA ASP B 12 -9.84 -6.50 22.55
C ASP B 12 -11.01 -5.59 22.94
N HIS B 13 -10.88 -4.87 24.06
CA HIS B 13 -11.93 -3.99 24.53
C HIS B 13 -11.80 -2.56 23.98
N GLU B 14 -10.76 -2.32 23.20
CA GLU B 14 -10.51 -0.98 22.66
C GLU B 14 -10.88 -0.88 21.19
N GLY B 15 -11.27 0.31 20.77
CA GLY B 15 -11.32 0.64 19.35
C GLY B 15 -9.92 1.06 18.93
N LEU B 16 -9.72 1.30 17.64
CA LEU B 16 -8.43 1.76 17.13
C LEU B 16 -8.17 3.22 17.48
N GLY B 17 -9.26 3.98 17.59
CA GLY B 17 -9.16 5.40 17.92
C GLY B 17 -8.89 6.24 16.70
N ILE B 18 -9.63 5.97 15.62
CA ILE B 18 -9.42 6.69 14.37
C ILE B 18 -10.79 7.03 13.79
N SER B 19 -10.92 8.24 13.26
CA SER B 19 -12.06 8.54 12.40
C SER B 19 -11.59 8.49 10.96
N ILE B 20 -12.40 7.91 10.09
CA ILE B 20 -12.03 7.84 8.68
C ILE B 20 -13.12 8.35 7.75
N THR B 21 -12.69 8.78 6.57
CA THR B 21 -13.62 9.27 5.56
C THR B 21 -13.07 8.84 4.21
N GLY B 22 -13.66 9.31 3.11
CA GLY B 22 -13.17 8.91 1.79
C GLY B 22 -13.57 7.50 1.40
N GLY B 23 -12.90 6.93 0.41
CA GLY B 23 -13.28 5.64 -0.12
C GLY B 23 -13.62 5.69 -1.61
N LYS B 24 -13.64 4.52 -2.23
CA LYS B 24 -13.77 4.38 -3.67
C LYS B 24 -14.94 5.17 -4.27
N GLU B 25 -16.07 5.20 -3.57
CA GLU B 25 -17.27 5.84 -4.13
C GLU B 25 -17.12 7.35 -4.23
N HIS B 26 -16.11 7.89 -3.56
CA HIS B 26 -15.82 9.32 -3.60
C HIS B 26 -14.57 9.63 -4.42
N GLY B 27 -14.00 8.59 -5.03
CA GLY B 27 -12.84 8.74 -5.90
C GLY B 27 -11.56 9.06 -5.16
N VAL B 28 -11.53 8.76 -3.86
CA VAL B 28 -10.37 9.03 -3.02
C VAL B 28 -10.06 7.81 -2.16
N PRO B 29 -8.81 7.70 -1.67
CA PRO B 29 -8.55 6.57 -0.77
C PRO B 29 -9.25 6.74 0.57
N ILE B 30 -9.16 5.72 1.40
CA ILE B 30 -9.58 5.80 2.79
C ILE B 30 -8.63 6.75 3.51
N LEU B 31 -9.20 7.79 4.12
CA LEU B 31 -8.42 8.86 4.73
C LEU B 31 -8.67 8.98 6.24
N ILE B 32 -7.60 9.22 7.00
CA ILE B 32 -7.73 9.49 8.42
C ILE B 32 -8.17 10.92 8.61
N SER B 33 -9.31 11.13 9.27
CA SER B 33 -9.80 12.48 9.49
C SER B 33 -9.63 12.92 10.94
N GLU B 34 -9.47 11.96 11.84
CA GLU B 34 -9.15 12.29 13.23
C GLU B 34 -8.34 11.20 13.94
N ILE B 35 -7.43 11.62 14.81
CA ILE B 35 -6.73 10.69 15.68
C ILE B 35 -7.15 10.98 17.12
N HIS B 36 -7.85 10.05 17.75
CA HIS B 36 -8.42 10.30 19.08
C HIS B 36 -7.38 10.20 20.19
N PRO B 37 -7.29 11.24 21.03
CA PRO B 37 -6.23 11.29 22.05
C PRO B 37 -6.29 10.14 23.05
N GLY B 38 -5.14 9.49 23.27
CA GLY B 38 -5.01 8.43 24.26
C GLY B 38 -5.33 7.04 23.78
N GLN B 39 -5.92 6.95 22.59
CA GLN B 39 -6.33 5.67 22.03
C GLN B 39 -5.18 5.06 21.24
N PRO B 40 -5.31 3.78 20.84
CA PRO B 40 -4.18 3.07 20.23
C PRO B 40 -3.52 3.81 19.06
N ALA B 41 -4.30 4.40 18.16
CA ALA B 41 -3.69 5.11 17.04
C ALA B 41 -2.83 6.30 17.49
N ASP B 42 -3.33 7.05 18.46
CA ASP B 42 -2.55 8.14 19.04
C ASP B 42 -1.28 7.61 19.69
N ARG B 43 -1.41 6.53 20.46
CA ARG B 43 -0.26 6.01 21.23
C ARG B 43 0.85 5.49 20.32
N CYS B 44 0.49 4.93 19.18
CA CYS B 44 1.49 4.35 18.28
C CYS B 44 2.36 5.45 17.65
N GLY B 45 1.83 6.67 17.60
CA GLY B 45 2.59 7.82 17.14
C GLY B 45 3.01 7.89 15.69
N GLY B 46 2.47 7.00 14.85
CA GLY B 46 2.86 6.96 13.44
C GLY B 46 1.72 7.09 12.44
N LEU B 47 0.53 7.44 12.93
CA LEU B 47 -0.65 7.66 12.10
C LEU B 47 -1.15 9.07 12.30
N HIS B 48 -1.41 9.78 11.21
CA HIS B 48 -1.73 11.19 11.31
C HIS B 48 -2.92 11.57 10.45
N VAL B 49 -3.62 12.62 10.85
CA VAL B 49 -4.72 13.14 10.07
C VAL B 49 -4.21 13.50 8.68
N GLY B 50 -4.97 13.09 7.66
CA GLY B 50 -4.57 13.29 6.28
C GLY B 50 -3.89 12.08 5.64
N ASP B 51 -3.46 11.13 6.46
CA ASP B 51 -2.89 9.88 5.93
C ASP B 51 -3.93 9.09 5.17
N ALA B 52 -3.51 8.47 4.07
CA ALA B 52 -4.32 7.50 3.36
C ALA B 52 -3.97 6.12 3.89
N ILE B 53 -4.97 5.33 4.23
CA ILE B 53 -4.74 3.93 4.58
C ILE B 53 -4.84 3.09 3.31
N LEU B 54 -3.67 2.66 2.83
CA LEU B 54 -3.58 1.88 1.60
C LEU B 54 -3.89 0.41 1.84
N ALA B 55 -3.52 -0.08 3.01
CA ALA B 55 -3.76 -1.47 3.35
C ALA B 55 -3.72 -1.63 4.86
N VAL B 56 -4.37 -2.68 5.36
CA VAL B 56 -4.28 -3.02 6.77
C VAL B 56 -4.08 -4.54 6.86
N ASN B 57 -3.04 -4.96 7.59
CA ASN B 57 -2.67 -6.38 7.69
C ASN B 57 -2.68 -7.11 6.34
N GLY B 58 -2.12 -6.47 5.32
CA GLY B 58 -2.03 -7.07 4.00
C GLY B 58 -3.34 -7.14 3.23
N VAL B 59 -4.36 -6.43 3.72
CA VAL B 59 -5.60 -6.27 2.96
C VAL B 59 -5.54 -4.95 2.23
N ASN B 60 -5.52 -5.02 0.89
CA ASN B 60 -5.42 -3.84 0.07
C ASN B 60 -6.75 -3.07 0.05
N LEU B 61 -6.71 -1.81 0.53
CA LEU B 61 -7.90 -0.97 0.63
C LEU B 61 -7.88 0.20 -0.36
N ARG B 62 -6.96 0.16 -1.32
CA ARG B 62 -6.81 1.25 -2.28
C ARG B 62 -8.04 1.44 -3.17
N ASP B 63 -8.79 0.38 -3.38
CA ASP B 63 -9.91 0.43 -4.31
C ASP B 63 -11.18 -0.12 -3.66
N THR B 64 -11.37 0.19 -2.38
CA THR B 64 -12.49 -0.33 -1.63
C THR B 64 -13.40 0.82 -1.18
N LYS B 65 -14.70 0.58 -1.22
CA LYS B 65 -15.68 1.55 -0.74
C LYS B 65 -15.60 1.77 0.77
N HIS B 66 -16.06 2.93 1.22
CA HIS B 66 -16.00 3.32 2.63
C HIS B 66 -16.47 2.22 3.59
N LYS B 67 -17.70 1.74 3.41
CA LYS B 67 -18.29 0.83 4.39
C LYS B 67 -17.51 -0.47 4.53
N GLU B 68 -17.13 -1.04 3.40
CA GLU B 68 -16.37 -2.29 3.42
C GLU B 68 -14.99 -2.12 4.04
N ALA B 69 -14.33 -1.01 3.74
CA ALA B 69 -13.02 -0.75 4.35
C ALA B 69 -13.18 -0.64 5.87
N VAL B 70 -14.20 0.09 6.31
CA VAL B 70 -14.46 0.25 7.74
C VAL B 70 -14.68 -1.10 8.42
N THR B 71 -15.45 -1.97 7.76
CA THR B 71 -15.73 -3.30 8.30
C THR B 71 -14.42 -4.10 8.46
N ILE B 72 -13.62 -4.16 7.40
CA ILE B 72 -12.32 -4.84 7.45
C ILE B 72 -11.44 -4.27 8.57
N LEU B 73 -11.36 -2.95 8.67
CA LEU B 73 -10.55 -2.34 9.72
C LEU B 73 -11.01 -2.76 11.10
N SER B 74 -12.34 -2.82 11.27
CA SER B 74 -12.95 -3.08 12.57
C SER B 74 -12.76 -4.52 13.01
N GLN B 75 -12.44 -5.39 12.05
CA GLN B 75 -12.27 -6.82 12.35
C GLN B 75 -10.86 -7.15 12.83
N GLN B 76 -9.94 -6.22 12.66
CA GLN B 76 -8.54 -6.45 13.01
C GLN B 76 -8.34 -6.50 14.51
N ARG B 77 -7.44 -7.39 14.96
CA ARG B 77 -7.20 -7.55 16.40
C ARG B 77 -5.71 -7.61 16.72
N GLY B 78 -5.39 -7.25 17.95
CA GLY B 78 -4.03 -7.39 18.46
C GLY B 78 -3.07 -6.36 17.90
N GLU B 79 -1.94 -6.84 17.41
CA GLU B 79 -0.93 -5.96 16.83
C GLU B 79 -1.21 -5.84 15.34
N ILE B 80 -1.56 -4.63 14.90
CA ILE B 80 -2.13 -4.44 13.57
C ILE B 80 -1.24 -3.56 12.72
N GLU B 81 -0.92 -4.01 11.51
CA GLU B 81 -0.03 -3.24 10.63
C GLU B 81 -0.82 -2.41 9.63
N PHE B 82 -0.61 -1.10 9.65
CA PHE B 82 -1.21 -0.18 8.68
C PHE B 82 -0.15 0.21 7.66
N GLU B 83 -0.53 0.18 6.38
CA GLU B 83 0.32 0.68 5.33
C GLU B 83 -0.28 2.02 4.92
N VAL B 84 0.44 3.10 5.18
CA VAL B 84 -0.14 4.43 5.02
C VAL B 84 0.76 5.33 4.19
N VAL B 85 0.19 6.37 3.62
CA VAL B 85 0.99 7.37 2.92
C VAL B 85 0.36 8.74 3.04
N TYR B 86 1.18 9.76 3.16
CA TYR B 86 0.70 11.13 3.14
C TYR B 86 1.09 11.67 1.77
N VAL B 87 0.10 11.82 0.91
CA VAL B 87 0.34 12.28 -0.44
C VAL B 87 0.54 13.80 -0.48
N TRP C 5 -5.08 3.34 -17.39
CA TRP C 5 -4.96 2.23 -16.44
C TRP C 5 -4.78 2.75 -15.02
N PRO C 6 -5.20 1.94 -14.03
CA PRO C 6 -5.02 2.30 -12.62
C PRO C 6 -3.55 2.29 -12.22
N THR C 7 -3.23 3.07 -11.19
CA THR C 7 -1.87 3.13 -10.67
C THR C 7 -1.92 2.95 -9.18
N SER C 8 -1.01 2.14 -8.64
CA SER C 8 -0.93 1.96 -7.19
C SER C 8 0.49 2.23 -6.75
N 2KK C 9 0.65 2.93 -5.63
CA 2KK C 9 1.97 3.08 -5.01
C 2KK C 9 2.13 1.92 -4.03
O 2KK C 9 1.23 1.63 -3.26
CB 2KK C 9 2.10 4.39 -4.24
CG 2KK C 9 1.93 5.62 -5.09
CD 2KK C 9 2.57 6.82 -4.42
CE 2KK C 9 1.85 7.21 -3.14
NZ 2KK C 9 0.50 7.74 -3.45
O01 2KK C 9 -0.63 5.80 -2.72
C02 2KK C 9 -0.71 6.97 -3.18
C04 2KK C 9 -2.03 7.49 -3.61
C05 2KK C 9 -2.10 8.59 -4.44
C06 2KK C 9 -3.33 9.08 -4.84
C07 2KK C 9 -4.49 8.45 -4.42
F08 2KK C 9 -5.67 8.92 -4.81
C09 2KK C 9 -4.42 7.36 -3.57
C10 2KK C 9 -3.19 6.87 -3.17
N ILE C 10 3.30 1.28 -4.10
CA ILE C 10 3.58 0.13 -3.25
C ILE C 10 5.00 0.18 -2.72
N ALA D 1 -10.38 17.15 2.74
CA ALA D 1 -11.47 16.22 2.47
C ALA D 1 -12.82 16.93 2.49
N ASN D 2 -13.74 16.45 1.65
CA ASN D 2 -15.07 17.05 1.56
C ASN D 2 -16.00 16.64 2.72
N SER D 3 -16.52 17.64 3.44
CA SER D 3 -17.34 17.39 4.62
C SER D 3 -18.63 16.63 4.32
N ARG D 4 -19.02 16.54 3.05
CA ARG D 4 -20.24 15.81 2.71
C ARG D 4 -20.03 14.29 2.61
N TRP D 5 -18.76 13.87 2.50
CA TRP D 5 -18.43 12.44 2.57
C TRP D 5 -18.80 11.90 3.94
N PRO D 6 -19.09 10.59 4.03
CA PRO D 6 -19.43 9.98 5.32
C PRO D 6 -18.21 9.88 6.24
N THR D 7 -18.43 9.86 7.55
CA THR D 7 -17.37 9.64 8.53
C THR D 7 -17.73 8.44 9.38
N SER D 8 -16.76 7.56 9.57
CA SER D 8 -16.92 6.42 10.45
C SER D 8 -15.84 6.51 11.50
N 2KK D 9 -16.07 5.88 12.65
CA 2KK D 9 -15.03 5.73 13.66
C 2KK D 9 -14.71 4.27 13.83
O 2KK D 9 -15.58 3.41 13.65
CB 2KK D 9 -15.48 6.34 14.99
CG 2KK D 9 -15.83 7.80 14.89
CD 2KK D 9 -15.73 8.51 16.23
CE 2KK D 9 -16.36 9.89 16.17
NZ 2KK D 9 -15.70 10.77 15.16
O01 2KK D 9 -17.22 12.49 15.63
C02 2KK D 9 -16.27 12.07 14.91
C04 2KK D 9 -15.70 12.92 13.82
C05 2KK D 9 -16.53 13.57 12.92
C06 2KK D 9 -15.98 14.35 11.91
C07 2KK D 9 -14.60 14.48 11.79
F08 2KK D 9 -14.07 15.22 10.83
C09 2KK D 9 -13.77 13.83 12.70
C10 2KK D 9 -14.31 13.04 13.70
N ILE D 10 -13.46 3.97 14.13
CA ILE D 10 -13.01 2.60 14.30
C ILE D 10 -12.07 2.48 15.49
C1 GOL E . 16.78 -8.19 5.14
O1 GOL E . 16.29 -8.98 6.13
C2 GOL E . 16.46 -6.74 5.33
O2 GOL E . 16.96 -6.22 6.54
C3 GOL E . 17.14 -6.05 4.17
O3 GOL E . 18.49 -6.22 4.34
C1 GOL F . -6.64 -16.59 -11.93
O1 GOL F . -8.00 -16.39 -12.25
C2 GOL F . -5.93 -15.26 -11.71
O2 GOL F . -6.69 -14.21 -12.30
C3 GOL F . -4.54 -15.33 -12.31
O3 GOL F . -3.75 -14.22 -11.92
#